data_6J0K
#
_entry.id   6J0K
#
_cell.length_a   38.797
_cell.length_b   41.392
_cell.length_c   62.490
_cell.angle_alpha   73.23
_cell.angle_beta   89.87
_cell.angle_gamma   68.95
#
_symmetry.space_group_name_H-M   'P 1'
#
loop_
_entity.id
_entity.type
_entity.pdbx_description
1 polymer 'Butyrophilin subfamily 3 member A3'
2 non-polymer '(2E)-4-hydroxy-3-methylbut-2-en-1-yl trihydrogen diphosphate'
3 water water
#
_entity_poly.entity_id   1
_entity_poly.type   'polypeptide(L)'
_entity_poly.pdbx_seq_one_letter_code
;MGSSHHHHHHSSGLVPRGSHMENLYFQGAGAGAAYHEWKMALFKPADVILDPDTANAILLVSEDQRSVQRAEEPRDLPDN
PERFEWHYCVLGCENFTSGRHYWEVEVGDRKEWHIGVCSKNVERKKGWVKMTPENGYWTMGLTDGNKYRALTEPRTNLKL
PEPPRKVGIFLDYETGEISFYNATDGSHIYTFPHASFSEPLYPVFRILTLEPTALTICPIP
;
_entity_poly.pdbx_strand_id   A,B
#
loop_
_chem_comp.id
_chem_comp.type
_chem_comp.name
_chem_comp.formula
H6P non-polymer '(2E)-4-hydroxy-3-methylbut-2-en-1-yl trihydrogen diphosphate' 'C5 H12 O8 P2'
#
# COMPACT_ATOMS: atom_id res chain seq x y z
N ALA A 31 -23.07 -0.72 15.48
CA ALA A 31 -22.87 -2.00 14.74
C ALA A 31 -21.48 -2.02 14.12
N GLY A 32 -20.88 -3.20 14.09
CA GLY A 32 -19.67 -3.42 13.31
C GLY A 32 -19.96 -3.18 11.84
N ALA A 33 -21.19 -3.49 11.42
CA ALA A 33 -21.62 -3.29 10.04
C ALA A 33 -21.46 -1.84 9.64
N ALA A 34 -21.95 -0.93 10.48
CA ALA A 34 -21.81 0.50 10.18
C ALA A 34 -20.34 0.91 10.13
N TYR A 35 -19.55 0.36 11.05
CA TYR A 35 -18.12 0.66 11.11
C TYR A 35 -17.45 0.20 9.81
N HIS A 36 -17.80 -1.01 9.37
CA HIS A 36 -17.29 -1.57 8.11
C HIS A 36 -17.58 -0.63 6.94
N GLU A 37 -18.84 -0.28 6.77
CA GLU A 37 -19.25 0.62 5.68
C GLU A 37 -18.51 1.94 5.75
N TRP A 38 -18.46 2.51 6.95
CA TRP A 38 -17.84 3.79 7.18
C TRP A 38 -16.36 3.77 6.75
N LYS A 39 -15.58 2.89 7.38
CA LYS A 39 -14.17 2.77 7.05
C LYS A 39 -13.98 2.59 5.53
N MET A 40 -14.74 1.68 4.95
CA MET A 40 -14.57 1.40 3.52
C MET A 40 -14.97 2.53 2.59
N ALA A 41 -15.96 3.33 2.98
CA ALA A 41 -16.40 4.45 2.14
C ALA A 41 -15.45 5.65 2.18
N LEU A 42 -14.91 5.97 3.35
CA LEU A 42 -14.20 7.24 3.54
C LEU A 42 -12.68 7.17 3.57
N PHE A 43 -12.14 6.03 4.00
CA PHE A 43 -10.69 5.94 4.29
C PHE A 43 -10.00 4.90 3.41
N LYS A 44 -8.83 5.25 2.89
CA LYS A 44 -8.07 4.37 2.04
C LYS A 44 -7.29 3.37 2.92
N PRO A 45 -7.46 2.06 2.66
CA PRO A 45 -6.82 1.05 3.49
C PRO A 45 -5.31 1.04 3.30
N ALA A 46 -4.60 1.44 4.34
CA ALA A 46 -3.14 1.49 4.32
C ALA A 46 -2.61 0.07 4.43
N ASP A 47 -1.65 -0.26 3.59
CA ASP A 47 -1.01 -1.59 3.63
C ASP A 47 0.27 -1.36 4.37
N VAL A 48 0.26 -1.70 5.67
CA VAL A 48 1.32 -1.34 6.60
C VAL A 48 2.31 -2.49 6.75
N ILE A 49 3.56 -2.18 6.48
CA ILE A 49 4.62 -3.12 6.71
C ILE A 49 5.68 -2.45 7.58
N LEU A 50 6.11 -3.19 8.58
CA LEU A 50 7.03 -2.68 9.59
C LEU A 50 8.41 -2.50 8.98
N ASP A 51 9.07 -1.42 9.36
CA ASP A 51 10.36 -1.09 8.80
C ASP A 51 11.47 -1.51 9.78
N PRO A 52 12.12 -2.65 9.52
CA PRO A 52 13.06 -3.19 10.50
C PRO A 52 14.25 -2.26 10.78
N ASP A 53 14.56 -1.39 9.84
CA ASP A 53 15.62 -0.41 10.00
C ASP A 53 15.24 0.68 11.04
N THR A 54 13.95 0.83 11.33
CA THR A 54 13.51 1.81 12.29
C THR A 54 13.41 1.21 13.68
N ALA A 55 13.41 -0.12 13.74
CA ALA A 55 12.95 -0.83 14.92
C ALA A 55 14.08 -0.81 15.92
N ASN A 56 13.77 -0.37 17.13
CA ASN A 56 14.72 -0.36 18.20
C ASN A 56 15.27 -1.77 18.33
N ALA A 57 16.54 -1.88 18.72
CA ALA A 57 17.25 -3.14 18.59
C ALA A 57 16.74 -4.19 19.54
N ILE A 58 15.87 -3.81 20.48
CA ILE A 58 15.26 -4.76 21.39
C ILE A 58 13.98 -5.37 20.81
N LEU A 59 13.63 -5.00 19.59
CA LEU A 59 12.42 -5.47 18.92
C LEU A 59 12.78 -6.45 17.83
N LEU A 60 11.87 -7.39 17.58
CA LEU A 60 12.05 -8.36 16.53
C LEU A 60 10.89 -8.29 15.59
N VAL A 61 11.18 -7.93 14.35
CA VAL A 61 10.13 -7.81 13.35
C VAL A 61 10.02 -9.17 12.63
N SER A 62 8.81 -9.64 12.39
CA SER A 62 8.61 -10.96 11.75
C SER A 62 9.15 -11.00 10.33
N GLU A 63 9.24 -12.19 9.79
CA GLU A 63 9.75 -12.34 8.41
C GLU A 63 8.84 -11.61 7.42
N ASP A 64 7.53 -11.73 7.59
CA ASP A 64 6.59 -11.02 6.72
C ASP A 64 6.38 -9.54 7.11
N GLN A 65 7.07 -9.06 8.15
CA GLN A 65 7.00 -7.65 8.56
C GLN A 65 5.58 -7.18 8.82
N ARG A 66 4.76 -8.13 9.26
CA ARG A 66 3.43 -7.81 9.77
C ARG A 66 3.37 -7.79 11.30
N SER A 67 4.37 -8.37 11.97
CA SER A 67 4.37 -8.58 13.41
C SER A 67 5.65 -8.07 14.06
N VAL A 68 5.53 -7.73 15.34
CA VAL A 68 6.67 -7.27 16.11
C VAL A 68 6.56 -7.78 17.53
N GLN A 69 7.71 -8.20 18.05
CA GLN A 69 7.80 -8.79 19.35
C GLN A 69 8.98 -8.11 20.06
N ARG A 70 8.86 -8.01 21.37
CA ARG A 70 9.94 -7.48 22.19
C ARG A 70 10.86 -8.61 22.63
N ALA A 71 12.16 -8.44 22.43
CA ALA A 71 13.15 -9.47 22.79
C ALA A 71 13.71 -9.26 24.20
N GLU A 72 14.29 -10.32 24.78
CA GLU A 72 14.93 -10.19 26.09
C GLU A 72 16.33 -9.60 25.96
N GLU A 73 16.95 -9.79 24.81
CA GLU A 73 18.28 -9.23 24.55
C GLU A 73 18.26 -8.43 23.25
N PRO A 74 19.06 -7.34 23.18
CA PRO A 74 19.07 -6.52 21.96
C PRO A 74 19.87 -7.18 20.85
N ARG A 75 19.56 -6.83 19.61
CA ARG A 75 20.44 -7.19 18.51
C ARG A 75 21.61 -6.22 18.42
N ASP A 76 22.74 -6.74 17.96
CA ASP A 76 23.92 -5.94 17.71
C ASP A 76 23.94 -5.59 16.23
N LEU A 77 23.62 -4.34 15.92
CA LEU A 77 23.40 -3.93 14.53
C LEU A 77 24.29 -2.75 14.14
N PRO A 78 24.52 -2.58 12.83
CA PRO A 78 25.28 -1.40 12.39
C PRO A 78 24.50 -0.11 12.56
N ASP A 79 25.20 0.99 12.77
CA ASP A 79 24.54 2.27 12.89
C ASP A 79 23.56 2.46 11.73
N ASN A 80 22.41 3.00 12.07
CA ASN A 80 21.43 3.38 11.09
C ASN A 80 20.64 4.60 11.56
N PRO A 81 20.67 5.67 10.74
CA PRO A 81 19.99 6.93 11.08
C PRO A 81 18.49 6.78 11.33
N GLU A 82 17.91 5.77 10.71
CA GLU A 82 16.46 5.58 10.75
C GLU A 82 16.03 4.95 12.09
N ARG A 83 16.99 4.38 12.82
CA ARG A 83 16.63 3.54 13.94
C ARG A 83 16.26 4.34 15.18
N PHE A 84 15.19 3.94 15.84
CA PHE A 84 14.89 4.38 17.21
C PHE A 84 15.97 3.90 18.18
N GLU A 85 16.59 4.84 18.89
CA GLU A 85 17.66 4.47 19.83
C GLU A 85 17.15 4.29 21.26
N TRP A 86 16.15 5.07 21.64
CA TRP A 86 15.65 5.07 23.00
C TRP A 86 14.30 4.37 23.08
N HIS A 87 13.30 4.94 22.41
CA HIS A 87 11.95 4.37 22.45
C HIS A 87 11.87 3.01 21.78
N TYR A 88 11.05 2.14 22.35
CA TYR A 88 10.97 0.76 21.90
C TYR A 88 9.99 0.70 20.73
N CYS A 89 10.27 1.47 19.68
CA CYS A 89 9.31 1.74 18.62
C CYS A 89 9.78 1.13 17.31
N VAL A 90 8.82 0.84 16.44
CA VAL A 90 9.08 0.60 15.05
C VAL A 90 7.97 1.30 14.25
N LEU A 91 8.32 1.70 13.03
CA LEU A 91 7.44 2.43 12.15
C LEU A 91 7.02 1.55 10.99
N GLY A 92 5.96 1.97 10.30
CA GLY A 92 5.71 1.51 8.95
C GLY A 92 6.79 1.99 7.98
N CYS A 93 6.89 1.31 6.85
CA CYS A 93 7.77 1.73 5.74
C CYS A 93 7.31 3.02 5.04
N GLU A 94 6.00 3.28 5.06
CA GLU A 94 5.44 4.39 4.26
C GLU A 94 4.77 5.44 5.13
N ASN A 95 4.84 6.69 4.70
CA ASN A 95 4.26 7.78 5.44
C ASN A 95 3.11 8.44 4.69
N PHE A 96 2.32 9.24 5.39
CA PHE A 96 1.18 9.93 4.79
C PHE A 96 1.34 11.44 4.87
N THR A 97 1.03 12.11 3.77
CA THR A 97 1.17 13.56 3.71
C THR A 97 -0.14 14.25 3.35
N SER A 98 -1.15 13.46 3.07
CA SER A 98 -2.50 13.97 2.80
C SER A 98 -3.46 12.80 2.93
N GLY A 99 -4.76 13.10 2.83
CA GLY A 99 -5.77 12.07 2.62
C GLY A 99 -6.24 11.41 3.90
N ARG A 100 -7.18 10.50 3.73
CA ARG A 100 -7.77 9.73 4.81
C ARG A 100 -7.35 8.28 4.61
N HIS A 101 -6.90 7.65 5.69
CA HIS A 101 -6.23 6.36 5.66
C HIS A 101 -6.66 5.58 6.90
N TYR A 102 -6.77 4.27 6.80
CA TYR A 102 -6.90 3.45 7.99
C TYR A 102 -6.12 2.15 7.89
N TRP A 103 -5.78 1.61 9.05
CA TRP A 103 -5.34 0.22 9.17
C TRP A 103 -5.76 -0.38 10.51
N GLU A 104 -5.55 -1.69 10.67
CA GLU A 104 -6.17 -2.41 11.77
C GLU A 104 -5.15 -3.34 12.38
N VAL A 105 -5.02 -3.24 13.70
CA VAL A 105 -3.96 -3.94 14.43
C VAL A 105 -4.59 -4.93 15.38
N GLU A 106 -4.06 -6.15 15.31
CA GLU A 106 -4.41 -7.22 16.23
C GLU A 106 -3.52 -7.16 17.45
N VAL A 107 -4.11 -6.73 18.56
CA VAL A 107 -3.44 -6.65 19.83
C VAL A 107 -3.66 -7.92 20.66
N GLY A 108 -4.65 -8.73 20.31
CA GLY A 108 -4.89 -9.97 21.04
C GLY A 108 -5.02 -9.73 22.53
N ASP A 109 -4.48 -10.66 23.32
CA ASP A 109 -4.52 -10.57 24.76
C ASP A 109 -3.23 -9.96 25.33
N ARG A 110 -2.40 -9.40 24.44
CA ARG A 110 -1.15 -8.82 24.89
C ARG A 110 -1.47 -7.76 25.94
N LYS A 111 -0.72 -7.78 27.03
CA LYS A 111 -1.03 -6.98 28.20
C LYS A 111 -0.43 -5.58 28.15
N GLU A 112 0.34 -5.29 27.11
CA GLU A 112 0.96 -3.97 26.95
C GLU A 112 1.29 -3.67 25.51
N TRP A 113 0.85 -2.50 25.03
CA TRP A 113 1.13 -2.04 23.70
C TRP A 113 0.64 -0.60 23.57
N HIS A 114 1.29 0.15 22.70
CA HIS A 114 0.77 1.43 22.26
C HIS A 114 1.02 1.61 20.79
N ILE A 115 0.00 2.13 20.10
CA ILE A 115 0.07 2.24 18.66
C ILE A 115 -0.53 3.56 18.21
N GLY A 116 -0.28 3.91 16.97
CA GLY A 116 -0.77 5.17 16.46
C GLY A 116 0.06 5.63 15.30
N VAL A 117 0.30 6.94 15.27
CA VAL A 117 1.09 7.56 14.23
C VAL A 117 2.11 8.44 14.91
N CYS A 118 3.21 8.67 14.22
CA CYS A 118 4.10 9.75 14.60
C CYS A 118 4.64 10.47 13.40
N SER A 119 5.07 11.71 13.64
CA SER A 119 5.71 12.52 12.63
C SER A 119 7.04 11.92 12.19
N LYS A 120 7.33 12.10 10.90
CA LYS A 120 8.62 11.67 10.32
C LYS A 120 9.82 12.26 11.05
N ASN A 121 9.68 13.47 11.56
CA ASN A 121 10.79 14.15 12.23
C ASN A 121 10.81 14.00 13.75
N VAL A 122 10.14 12.97 14.30
CA VAL A 122 10.27 12.76 15.73
C VAL A 122 11.74 12.56 16.05
N GLU A 123 12.13 12.97 17.25
CA GLU A 123 13.52 12.87 17.69
C GLU A 123 13.81 11.43 18.03
N ARG A 124 14.24 10.70 17.02
CA ARG A 124 14.45 9.26 17.08
C ARG A 124 15.59 8.86 17.98
N LYS A 125 16.58 9.74 18.07
CA LYS A 125 17.85 9.38 18.65
C LYS A 125 17.97 9.89 20.10
N LYS A 126 16.96 10.57 20.61
CA LYS A 126 17.09 11.33 21.84
C LYS A 126 16.39 10.57 22.98
N GLY A 127 17.13 10.31 24.05
CA GLY A 127 16.56 9.67 25.24
C GLY A 127 15.48 10.50 25.91
N TRP A 128 14.50 9.82 26.51
CA TRP A 128 13.58 10.43 27.47
C TRP A 128 12.55 11.40 26.89
N VAL A 129 12.39 11.40 25.56
CA VAL A 129 11.32 12.22 24.97
C VAL A 129 9.96 11.59 25.24
N LYS A 130 9.05 12.36 25.83
CA LYS A 130 7.72 11.85 26.15
C LYS A 130 6.95 11.69 24.84
N MET A 131 6.34 10.52 24.64
CA MET A 131 5.47 10.34 23.48
C MET A 131 4.16 11.07 23.68
N THR A 132 4.09 12.23 23.05
CA THR A 132 2.95 13.10 23.14
C THR A 132 2.77 13.82 21.82
N PRO A 133 1.58 14.42 21.62
CA PRO A 133 1.34 15.10 20.35
C PRO A 133 2.33 16.21 20.07
N GLU A 134 2.72 16.95 21.11
CA GLU A 134 3.71 18.00 20.94
C GLU A 134 5.07 17.46 20.49
N ASN A 135 5.36 16.19 20.80
CA ASN A 135 6.62 15.61 20.38
C ASN A 135 6.48 14.79 19.11
N GLY A 136 5.31 14.84 18.49
CA GLY A 136 5.09 14.16 17.23
C GLY A 136 4.45 12.79 17.31
N TYR A 137 3.83 12.49 18.44
CA TYR A 137 3.20 11.19 18.59
C TYR A 137 1.72 11.29 18.94
N TRP A 138 0.93 10.50 18.23
CA TRP A 138 -0.49 10.32 18.54
C TRP A 138 -0.78 8.85 18.67
N THR A 139 -0.80 8.39 19.91
CA THR A 139 -0.83 6.97 20.20
C THR A 139 -1.71 6.70 21.40
N MET A 140 -2.24 5.48 21.45
CA MET A 140 -2.97 5.02 22.59
C MET A 140 -2.68 3.55 22.76
N GLY A 141 -3.09 3.01 23.89
CA GLY A 141 -2.84 1.61 24.17
C GLY A 141 -3.06 1.21 25.59
N LEU A 142 -2.35 0.14 25.99
CA LEU A 142 -2.66 -0.64 27.16
C LEU A 142 -1.38 -0.77 27.98
N THR A 143 -1.51 -0.68 29.30
CA THR A 143 -0.42 -1.04 30.20
C THR A 143 -0.88 -1.92 31.37
N ASP A 144 0.01 -2.82 31.80
CA ASP A 144 -0.20 -3.62 33.00
CA ASP A 144 -0.20 -3.64 33.01
C ASP A 144 -1.52 -4.40 32.93
N GLY A 145 -1.86 -4.85 31.73
CA GLY A 145 -3.00 -5.74 31.54
C GLY A 145 -4.35 -5.07 31.32
N ASN A 146 -4.63 -4.01 32.06
CA ASN A 146 -5.97 -3.50 32.15
C ASN A 146 -6.11 -2.00 32.13
N LYS A 147 -5.02 -1.25 32.02
CA LYS A 147 -5.12 0.22 32.08
C LYS A 147 -4.89 0.81 30.70
N TYR A 148 -6.00 1.23 30.07
CA TYR A 148 -5.97 1.88 28.77
C TYR A 148 -5.73 3.38 28.90
N ARG A 149 -4.91 3.91 28.00
CA ARG A 149 -4.58 5.34 28.03
C ARG A 149 -4.41 5.86 26.61
N ALA A 150 -4.80 7.10 26.42
CA ALA A 150 -4.30 7.93 25.35
C ALA A 150 -3.05 8.67 25.81
N LEU A 151 -1.98 8.62 25.00
CA LEU A 151 -0.70 9.22 25.39
C LEU A 151 -0.69 10.69 25.01
N THR A 152 -1.65 11.42 25.58
CA THR A 152 -1.64 12.87 25.67
C THR A 152 -0.68 13.27 26.81
N GLU A 153 -0.48 14.58 26.96
CA GLU A 153 0.14 15.15 28.15
C GLU A 153 -0.88 16.02 28.90
N PRO A 154 -1.19 15.69 30.16
CA PRO A 154 -0.94 14.36 30.77
C PRO A 154 -1.61 13.24 29.99
N ARG A 155 -1.25 12.01 30.29
CA ARG A 155 -1.98 10.83 29.80
C ARG A 155 -3.44 10.87 30.24
N THR A 156 -4.35 10.51 29.34
CA THR A 156 -5.76 10.45 29.73
C THR A 156 -6.15 8.99 29.80
N ASN A 157 -6.65 8.59 30.96
CA ASN A 157 -7.13 7.26 31.20
C ASN A 157 -8.43 7.00 30.45
N LEU A 158 -8.46 5.88 29.76
CA LEU A 158 -9.62 5.47 28.98
C LEU A 158 -10.42 4.44 29.74
N LYS A 159 -11.72 4.44 29.51
CA LYS A 159 -12.60 3.45 30.11
C LYS A 159 -13.32 2.70 29.01
N LEU A 160 -12.92 1.45 28.78
CA LEU A 160 -13.40 0.70 27.65
C LEU A 160 -14.31 -0.38 28.17
N PRO A 161 -15.59 -0.34 27.77
CA PRO A 161 -16.51 -1.37 28.24
C PRO A 161 -16.00 -2.79 28.07
N GLU A 162 -15.37 -3.07 26.93
CA GLU A 162 -14.67 -4.35 26.76
C GLU A 162 -13.25 -4.16 26.24
N PRO A 163 -12.38 -5.12 26.54
CA PRO A 163 -11.02 -5.02 26.02
C PRO A 163 -10.99 -5.30 24.53
N PRO A 164 -10.30 -4.45 23.74
CA PRO A 164 -10.30 -4.77 22.30
C PRO A 164 -9.33 -5.88 22.01
N ARG A 165 -9.50 -6.55 20.89
CA ARG A 165 -8.52 -7.51 20.41
C ARG A 165 -7.96 -7.04 19.09
N LYS A 166 -8.70 -6.16 18.43
CA LYS A 166 -8.26 -5.54 17.20
C LYS A 166 -8.65 -4.08 17.25
N VAL A 167 -7.73 -3.22 16.84
CA VAL A 167 -7.90 -1.78 16.92
C VAL A 167 -7.76 -1.16 15.55
N GLY A 168 -8.72 -0.30 15.21
CA GLY A 168 -8.71 0.38 13.94
C GLY A 168 -8.16 1.75 14.16
N ILE A 169 -7.16 2.11 13.38
CA ILE A 169 -6.53 3.42 13.49
C ILE A 169 -6.89 4.20 12.27
N PHE A 170 -7.38 5.42 12.50
CA PHE A 170 -7.95 6.22 11.46
C PHE A 170 -7.29 7.57 11.38
N LEU A 171 -6.75 7.89 10.21
CA LEU A 171 -6.10 9.16 9.99
C LEU A 171 -6.80 9.98 8.91
N ASP A 172 -7.19 11.20 9.27
CA ASP A 172 -7.70 12.19 8.32
C ASP A 172 -6.80 13.41 8.38
N TYR A 173 -5.89 13.48 7.42
CA TYR A 173 -4.78 14.40 7.47
C TYR A 173 -5.25 15.84 7.35
N GLU A 174 -6.31 16.04 6.56
CA GLU A 174 -6.81 17.38 6.32
C GLU A 174 -7.44 17.97 7.59
N THR A 175 -8.16 17.14 8.33
CA THR A 175 -8.84 17.58 9.55
C THR A 175 -7.98 17.40 10.80
N GLY A 176 -6.88 16.66 10.68
CA GLY A 176 -5.93 16.54 11.78
C GLY A 176 -6.45 15.58 12.82
N GLU A 177 -7.16 14.58 12.32
CA GLU A 177 -8.02 13.75 13.15
C GLU A 177 -7.38 12.37 13.20
N ILE A 178 -6.92 12.00 14.38
CA ILE A 178 -6.46 10.63 14.64
C ILE A 178 -7.40 9.96 15.61
N SER A 179 -8.03 8.88 15.17
CA SER A 179 -9.05 8.21 15.96
CA SER A 179 -9.02 8.21 16.00
C SER A 179 -8.76 6.73 16.06
N PHE A 180 -9.19 6.15 17.17
CA PHE A 180 -9.06 4.73 17.40
C PHE A 180 -10.43 4.10 17.65
N TYR A 181 -10.61 2.91 17.09
CA TYR A 181 -11.86 2.17 17.16
C TYR A 181 -11.57 0.73 17.50
N ASN A 182 -12.50 0.11 18.18
CA ASN A 182 -12.56 -1.34 18.25
C ASN A 182 -12.98 -1.88 16.90
N ALA A 183 -12.08 -2.60 16.25
CA ALA A 183 -12.28 -2.98 14.86
C ALA A 183 -13.26 -4.13 14.72
N THR A 184 -13.52 -4.85 15.80
CA THR A 184 -14.42 -5.99 15.72
C THR A 184 -15.87 -5.52 15.80
N ASP A 185 -16.17 -4.66 16.76
CA ASP A 185 -17.54 -4.26 17.01
C ASP A 185 -17.85 -2.80 16.65
N GLY A 186 -16.87 -2.06 16.15
CA GLY A 186 -17.11 -0.73 15.61
C GLY A 186 -17.05 0.39 16.64
N SER A 187 -16.94 0.00 17.91
CA SER A 187 -17.08 0.92 19.02
C SER A 187 -15.89 1.89 19.08
N HIS A 188 -16.17 3.12 19.45
CA HIS A 188 -15.15 4.17 19.49
C HIS A 188 -14.28 4.00 20.73
N ILE A 189 -12.96 4.09 20.55
CA ILE A 189 -12.00 4.03 21.64
C ILE A 189 -11.51 5.42 22.04
N TYR A 190 -11.04 6.22 21.09
CA TYR A 190 -10.50 7.53 21.45
C TYR A 190 -10.20 8.32 20.20
N THR A 191 -10.41 9.63 20.28
CA THR A 191 -10.02 10.57 19.22
C THR A 191 -9.20 11.69 19.84
N PHE A 192 -8.01 11.94 19.28
CA PHE A 192 -7.15 12.99 19.81
C PHE A 192 -7.78 14.37 19.51
N PRO A 193 -7.43 15.39 20.28
CA PRO A 193 -7.71 16.72 19.76
C PRO A 193 -7.11 16.89 18.35
N HIS A 194 -7.85 17.55 17.48
CA HIS A 194 -7.43 17.69 16.09
C HIS A 194 -6.10 18.42 16.03
N ALA A 195 -5.20 17.89 15.21
CA ALA A 195 -3.91 18.48 15.01
C ALA A 195 -3.94 19.38 13.80
N SER A 196 -2.86 20.14 13.65
CA SER A 196 -2.50 20.73 12.38
C SER A 196 -1.19 20.12 11.93
N PHE A 197 -1.27 19.04 11.16
CA PHE A 197 -0.08 18.26 10.82
C PHE A 197 0.70 19.04 9.80
N SER A 198 1.99 19.25 10.09
CA SER A 198 2.91 19.88 9.17
C SER A 198 4.04 18.95 8.70
N GLU A 199 4.01 17.68 9.13
CA GLU A 199 5.02 16.68 8.73
C GLU A 199 4.33 15.39 8.28
N PRO A 200 5.00 14.60 7.41
CA PRO A 200 4.51 13.27 7.06
C PRO A 200 4.34 12.39 8.30
N LEU A 201 3.33 11.53 8.26
CA LEU A 201 2.97 10.70 9.41
C LEU A 201 3.23 9.24 9.11
N TYR A 202 3.84 8.54 10.07
CA TYR A 202 4.06 7.09 10.02
C TYR A 202 3.16 6.37 10.99
N PRO A 203 2.70 5.16 10.62
CA PRO A 203 2.24 4.27 11.67
C PRO A 203 3.41 3.95 12.60
N VAL A 204 3.13 3.91 13.89
CA VAL A 204 4.15 3.62 14.89
C VAL A 204 3.62 2.61 15.88
N PHE A 205 4.54 1.87 16.47
CA PHE A 205 4.20 0.74 17.28
C PHE A 205 5.24 0.65 18.39
N ARG A 206 4.77 0.49 19.61
CA ARG A 206 5.63 0.46 20.78
C ARG A 206 5.24 -0.68 21.68
N ILE A 207 6.22 -1.50 22.04
CA ILE A 207 6.02 -2.50 23.06
C ILE A 207 7.19 -2.55 24.03
N LEU A 208 6.84 -2.56 25.30
CA LEU A 208 7.82 -2.50 26.37
C LEU A 208 8.11 -3.84 27.00
N THR A 209 7.12 -4.72 26.99
CA THR A 209 7.11 -5.81 27.95
C THR A 209 7.35 -7.08 27.22
N LEU A 210 7.82 -8.09 27.95
CA LEU A 210 8.13 -9.41 27.40
C LEU A 210 6.88 -10.28 27.54
N GLU A 211 6.37 -10.80 26.44
CA GLU A 211 5.25 -11.71 26.52
C GLU A 211 4.89 -12.32 25.18
N PRO A 212 4.05 -13.38 25.19
CA PRO A 212 4.03 -14.29 24.06
C PRO A 212 3.25 -13.74 22.88
N THR A 213 2.30 -12.85 23.12
CA THR A 213 1.45 -12.38 22.02
C THR A 213 2.05 -11.17 21.32
N ALA A 214 2.35 -11.30 20.04
CA ALA A 214 2.94 -10.21 19.27
C ALA A 214 1.87 -9.17 18.97
N LEU A 215 2.32 -7.99 18.56
CA LEU A 215 1.47 -7.07 17.82
C LEU A 215 1.47 -7.47 16.37
N THR A 216 0.30 -7.52 15.76
CA THR A 216 0.19 -7.92 14.37
C THR A 216 -0.67 -7.01 13.53
N ILE A 217 -0.15 -6.57 12.40
CA ILE A 217 -0.93 -5.78 11.44
C ILE A 217 -1.76 -6.76 10.61
N CYS A 218 -3.09 -6.64 10.62
CA CYS A 218 -3.91 -7.53 9.80
C CYS A 218 -3.94 -6.96 8.41
N PRO A 219 -3.51 -7.76 7.42
CA PRO A 219 -3.52 -7.25 6.06
C PRO A 219 -4.90 -6.77 5.61
N ILE A 220 -4.90 -6.01 4.52
CA ILE A 220 -6.11 -5.50 3.88
C ILE A 220 -7.12 -6.64 3.68
N PRO A 221 -8.37 -6.45 4.18
CA PRO A 221 -9.37 -7.52 4.09
C PRO A 221 -9.86 -7.77 2.65
N ALA B 31 14.94 -8.48 2.00
CA ALA B 31 13.84 -9.24 1.35
C ALA B 31 12.94 -8.31 0.51
N GLY B 32 12.06 -7.58 1.18
CA GLY B 32 11.47 -6.36 0.62
C GLY B 32 12.55 -5.33 0.37
N ALA B 33 13.39 -5.14 1.37
CA ALA B 33 14.53 -4.24 1.29
C ALA B 33 15.43 -4.55 0.09
N ALA B 34 15.67 -5.84 -0.14
CA ALA B 34 16.53 -6.30 -1.22
C ALA B 34 15.90 -5.93 -2.55
N TYR B 35 14.58 -6.10 -2.62
CA TYR B 35 13.79 -5.64 -3.76
C TYR B 35 14.00 -4.14 -4.02
N HIS B 36 13.90 -3.31 -2.99
CA HIS B 36 13.99 -1.87 -3.19
C HIS B 36 15.39 -1.50 -3.68
N GLU B 37 16.40 -2.19 -3.16
CA GLU B 37 17.79 -1.91 -3.50
C GLU B 37 18.09 -2.33 -4.93
N TRP B 38 17.58 -3.49 -5.29
CA TRP B 38 17.70 -4.01 -6.64
C TRP B 38 17.00 -3.12 -7.67
N LYS B 39 15.76 -2.75 -7.41
CA LYS B 39 15.01 -1.93 -8.37
C LYS B 39 15.63 -0.55 -8.51
N MET B 40 16.07 0.03 -7.41
CA MET B 40 16.69 1.38 -7.45
C MET B 40 18.05 1.36 -8.15
N ALA B 41 18.77 0.25 -8.05
CA ALA B 41 20.09 0.16 -8.66
C ALA B 41 20.00 -0.01 -10.16
N LEU B 42 18.92 -0.61 -10.64
CA LEU B 42 18.95 -1.22 -11.96
C LEU B 42 18.00 -0.53 -12.91
N PHE B 43 16.92 0.03 -12.39
CA PHE B 43 15.87 0.53 -13.26
C PHE B 43 15.60 1.99 -12.94
N LYS B 44 15.26 2.75 -13.97
CA LYS B 44 14.88 4.14 -13.83
C LYS B 44 13.43 4.19 -13.41
N PRO B 45 13.12 4.98 -12.35
CA PRO B 45 11.73 5.22 -12.01
C PRO B 45 11.02 6.00 -13.11
N ALA B 46 9.94 5.45 -13.63
CA ALA B 46 9.09 6.18 -14.56
C ALA B 46 7.99 6.84 -13.78
N ASP B 47 7.76 8.11 -14.06
CA ASP B 47 6.69 8.84 -13.42
C ASP B 47 5.44 8.77 -14.30
N VAL B 48 4.71 7.66 -14.19
CA VAL B 48 3.58 7.39 -15.08
C VAL B 48 2.36 8.22 -14.68
N ILE B 49 1.77 8.87 -15.68
CA ILE B 49 0.45 9.48 -15.56
C ILE B 49 -0.46 9.05 -16.71
N LEU B 50 -1.71 8.79 -16.36
CA LEU B 50 -2.67 8.23 -17.26
C LEU B 50 -3.15 9.27 -18.24
N ASP B 51 -3.38 8.84 -19.47
CA ASP B 51 -3.74 9.76 -20.54
C ASP B 51 -5.24 9.65 -20.81
N PRO B 52 -6.03 10.63 -20.36
CA PRO B 52 -7.49 10.57 -20.51
C PRO B 52 -7.93 10.41 -21.96
N ASP B 53 -7.11 10.89 -22.89
CA ASP B 53 -7.43 10.80 -24.30
C ASP B 53 -7.40 9.38 -24.86
N THR B 54 -6.76 8.46 -24.14
CA THR B 54 -6.63 7.07 -24.57
C THR B 54 -7.67 6.18 -23.92
N ALA B 55 -8.29 6.69 -22.86
CA ALA B 55 -9.14 5.90 -21.99
C ALA B 55 -10.46 5.58 -22.65
N ASN B 56 -10.72 4.29 -22.78
CA ASN B 56 -12.05 3.83 -23.14
C ASN B 56 -13.07 4.60 -22.34
N ALA B 57 -14.23 4.85 -22.95
CA ALA B 57 -15.25 5.72 -22.35
C ALA B 57 -15.85 5.16 -21.05
N ILE B 58 -15.66 3.86 -20.80
CA ILE B 58 -16.18 3.22 -19.58
C ILE B 58 -15.26 3.45 -18.40
N LEU B 59 -14.14 4.13 -18.63
CA LEU B 59 -13.15 4.41 -17.59
C LEU B 59 -13.22 5.84 -17.12
N LEU B 60 -13.01 6.02 -15.82
CA LEU B 60 -12.87 7.33 -15.19
C LEU B 60 -11.41 7.47 -14.74
N VAL B 61 -10.68 8.38 -15.36
CA VAL B 61 -9.35 8.72 -14.88
C VAL B 61 -9.50 9.84 -13.88
N SER B 62 -8.80 9.71 -12.76
CA SER B 62 -8.88 10.67 -11.66
C SER B 62 -8.35 12.04 -12.09
N GLU B 63 -8.66 13.06 -11.30
CA GLU B 63 -8.21 14.41 -11.63
C GLU B 63 -6.68 14.46 -11.64
N ASP B 64 -6.05 13.82 -10.66
CA ASP B 64 -4.60 13.83 -10.60
C ASP B 64 -3.96 12.89 -11.63
N GLN B 65 -4.78 12.18 -12.40
CA GLN B 65 -4.30 11.29 -13.49
C GLN B 65 -3.37 10.17 -12.98
N ARG B 66 -3.59 9.78 -11.74
CA ARG B 66 -2.84 8.68 -11.12
C ARG B 66 -3.68 7.44 -10.94
N SER B 67 -4.99 7.60 -10.95
CA SER B 67 -5.88 6.49 -10.68
C SER B 67 -6.92 6.35 -11.76
N VAL B 68 -7.41 5.14 -11.89
CA VAL B 68 -8.38 4.86 -12.87
C VAL B 68 -9.41 3.92 -12.30
N GLN B 69 -10.65 4.19 -12.65
CA GLN B 69 -11.78 3.46 -12.10
C GLN B 69 -12.67 3.13 -13.30
N ARG B 70 -13.48 2.10 -13.18
CA ARG B 70 -14.42 1.77 -14.23
C ARG B 70 -15.77 2.34 -13.83
N ALA B 71 -16.35 3.14 -14.73
CA ALA B 71 -17.65 3.76 -14.47
C ALA B 71 -18.68 2.68 -14.67
N GLU B 72 -19.87 2.91 -14.15
CA GLU B 72 -20.99 2.02 -14.42
C GLU B 72 -21.53 2.22 -15.83
N GLU B 73 -21.80 3.48 -16.18
CA GLU B 73 -22.24 3.86 -17.52
C GLU B 73 -21.09 4.57 -18.23
N PRO B 74 -20.95 4.37 -19.55
CA PRO B 74 -19.89 5.03 -20.30
C PRO B 74 -20.11 6.53 -20.43
N ARG B 75 -19.04 7.29 -20.44
CA ARG B 75 -19.12 8.71 -20.82
C ARG B 75 -19.35 8.87 -22.33
N ASP B 76 -19.90 10.01 -22.72
CA ASP B 76 -20.14 10.26 -24.13
C ASP B 76 -18.93 11.03 -24.66
N LEU B 77 -17.99 10.32 -25.25
CA LEU B 77 -16.71 10.90 -25.63
C LEU B 77 -16.48 10.74 -27.12
N PRO B 78 -15.72 11.66 -27.72
CA PRO B 78 -15.45 11.60 -29.15
C PRO B 78 -14.53 10.43 -29.50
N ASP B 79 -14.59 9.99 -30.75
CA ASP B 79 -13.72 8.91 -31.26
C ASP B 79 -12.44 9.47 -31.91
N ASN B 80 -11.58 10.04 -31.07
CA ASN B 80 -10.23 10.42 -31.48
C ASN B 80 -9.30 9.19 -31.61
N PRO B 81 -8.31 9.26 -32.51
CA PRO B 81 -7.55 8.07 -32.85
C PRO B 81 -6.87 7.41 -31.67
N GLU B 82 -6.54 8.19 -30.63
CA GLU B 82 -5.81 7.68 -29.48
C GLU B 82 -6.64 6.77 -28.58
N ARG B 83 -7.96 6.84 -28.70
CA ARG B 83 -8.81 6.25 -27.67
C ARG B 83 -9.07 4.79 -27.94
N PHE B 84 -9.03 3.99 -26.89
CA PHE B 84 -9.45 2.61 -27.00
C PHE B 84 -10.97 2.55 -27.08
N GLU B 85 -11.46 1.88 -28.11
CA GLU B 85 -12.88 1.82 -28.35
C GLU B 85 -13.45 0.46 -27.98
N TRP B 86 -12.57 -0.51 -27.76
CA TRP B 86 -13.03 -1.86 -27.49
C TRP B 86 -12.48 -2.33 -26.18
N HIS B 87 -11.17 -2.40 -26.10
CA HIS B 87 -10.53 -2.79 -24.87
C HIS B 87 -10.72 -1.77 -23.77
N TYR B 88 -11.07 -2.23 -22.56
CA TYR B 88 -11.26 -1.32 -21.43
C TYR B 88 -9.93 -0.85 -20.87
N CYS B 89 -9.20 -0.11 -21.71
CA CYS B 89 -7.81 0.22 -21.45
C CYS B 89 -7.57 1.72 -21.35
N VAL B 90 -6.50 2.06 -20.64
CA VAL B 90 -5.91 3.40 -20.67
C VAL B 90 -4.40 3.29 -20.62
N LEU B 91 -3.71 4.25 -21.25
CA LEU B 91 -2.23 4.27 -21.27
C LEU B 91 -1.64 5.37 -20.45
N GLY B 92 -0.35 5.24 -20.18
CA GLY B 92 0.42 6.36 -19.67
C GLY B 92 0.61 7.39 -20.77
N CYS B 93 0.92 8.62 -20.39
CA CYS B 93 1.14 9.67 -21.38
C CYS B 93 2.40 9.50 -22.20
N GLU B 94 3.37 8.80 -21.63
CA GLU B 94 4.71 8.69 -22.20
C GLU B 94 5.03 7.23 -22.47
N ASN B 95 5.79 6.99 -23.54
CA ASN B 95 6.25 5.66 -23.86
C ASN B 95 7.76 5.50 -23.62
N PHE B 96 8.20 4.26 -23.79
CA PHE B 96 9.61 3.89 -23.65
C PHE B 96 10.11 3.25 -24.92
N THR B 97 11.36 3.59 -25.27
CA THR B 97 11.98 3.20 -26.54
C THR B 97 13.36 2.56 -26.30
N SER B 98 13.85 2.60 -25.06
CA SER B 98 15.15 2.06 -24.66
C SER B 98 15.28 2.12 -23.14
N GLY B 99 16.35 1.51 -22.60
CA GLY B 99 16.66 1.63 -21.17
C GLY B 99 15.87 0.68 -20.29
N ARG B 100 16.18 0.71 -19.00
CA ARG B 100 15.43 -0.02 -18.00
C ARG B 100 14.62 0.92 -17.13
N HIS B 101 13.37 0.55 -16.89
CA HIS B 101 12.39 1.43 -16.31
C HIS B 101 11.47 0.61 -15.43
N TYR B 102 11.00 1.20 -14.35
CA TYR B 102 10.00 0.58 -13.52
C TYR B 102 9.02 1.61 -12.96
N TRP B 103 7.82 1.13 -12.66
CA TRP B 103 6.83 1.84 -11.86
C TRP B 103 6.01 0.85 -11.03
N GLU B 104 5.26 1.38 -10.09
CA GLU B 104 4.53 0.53 -9.16
C GLU B 104 3.08 0.98 -9.13
N VAL B 105 2.19 0.00 -9.00
CA VAL B 105 0.77 0.22 -9.14
C VAL B 105 0.12 -0.42 -7.93
N GLU B 106 -0.65 0.37 -7.20
CA GLU B 106 -1.42 -0.15 -6.11
C GLU B 106 -2.72 -0.73 -6.60
N VAL B 107 -2.86 -2.04 -6.47
CA VAL B 107 -4.05 -2.73 -6.91
C VAL B 107 -4.98 -3.05 -5.75
N GLY B 108 -4.45 -2.90 -4.52
CA GLY B 108 -5.21 -3.14 -3.28
C GLY B 108 -6.02 -4.42 -3.36
N ASP B 109 -7.30 -4.32 -3.03
CA ASP B 109 -8.17 -5.50 -2.97
C ASP B 109 -9.09 -5.61 -4.19
N ARG B 110 -8.85 -4.83 -5.23
CA ARG B 110 -9.68 -4.90 -6.43
C ARG B 110 -9.63 -6.29 -7.03
N LYS B 111 -10.77 -6.80 -7.46
CA LYS B 111 -10.89 -8.25 -7.70
C LYS B 111 -10.63 -8.62 -9.15
N GLU B 112 -10.34 -7.60 -9.96
CA GLU B 112 -10.08 -7.76 -11.39
C GLU B 112 -9.26 -6.56 -11.88
N TRP B 113 -8.17 -6.85 -12.55
CA TRP B 113 -7.30 -5.84 -13.14
C TRP B 113 -6.23 -6.56 -13.92
N HIS B 114 -5.82 -5.93 -15.00
CA HIS B 114 -4.65 -6.36 -15.73
C HIS B 114 -3.79 -5.19 -16.11
N ILE B 115 -2.48 -5.31 -15.91
CA ILE B 115 -1.59 -4.18 -16.11
C ILE B 115 -0.30 -4.66 -16.74
N GLY B 116 0.30 -3.79 -17.54
CA GLY B 116 1.65 -4.03 -18.01
C GLY B 116 2.07 -2.99 -18.99
N VAL B 117 2.59 -3.44 -20.12
CA VAL B 117 2.92 -2.53 -21.20
C VAL B 117 2.32 -2.98 -22.53
N CYS B 118 2.16 -2.05 -23.45
CA CYS B 118 1.74 -2.39 -24.79
C CYS B 118 2.43 -1.54 -25.82
N SER B 119 2.47 -2.05 -27.04
CA SER B 119 3.12 -1.35 -28.14
C SER B 119 2.25 -0.13 -28.54
N LYS B 120 2.92 0.96 -28.90
CA LYS B 120 2.25 2.15 -29.41
C LYS B 120 1.24 1.84 -30.50
N ASN B 121 1.56 0.89 -31.36
CA ASN B 121 0.75 0.61 -32.55
C ASN B 121 -0.26 -0.54 -32.35
N VAL B 122 -0.71 -0.75 -31.13
CA VAL B 122 -1.78 -1.72 -30.87
C VAL B 122 -3.05 -1.28 -31.60
N GLU B 123 -3.88 -2.24 -31.98
CA GLU B 123 -5.12 -1.86 -32.68
C GLU B 123 -6.12 -1.39 -31.64
N ARG B 124 -6.34 -0.07 -31.61
CA ARG B 124 -7.17 0.52 -30.59
C ARG B 124 -8.63 0.50 -30.96
N LYS B 125 -8.93 0.16 -32.23
CA LYS B 125 -10.26 0.39 -32.80
C LYS B 125 -10.89 -0.87 -33.40
N LYS B 126 -10.38 -2.03 -33.02
CA LYS B 126 -10.89 -3.28 -33.57
C LYS B 126 -11.41 -4.16 -32.44
N GLY B 127 -12.65 -4.61 -32.58
CA GLY B 127 -13.24 -5.53 -31.61
C GLY B 127 -12.55 -6.87 -31.58
N TRP B 128 -12.35 -7.38 -30.38
CA TRP B 128 -12.08 -8.80 -30.13
C TRP B 128 -10.61 -9.20 -30.32
N VAL B 129 -9.72 -8.22 -30.34
CA VAL B 129 -8.28 -8.51 -30.55
C VAL B 129 -7.77 -9.03 -29.22
N LYS B 130 -7.23 -10.24 -29.21
CA LYS B 130 -6.80 -10.83 -27.96
C LYS B 130 -5.59 -10.07 -27.43
N MET B 131 -5.60 -9.72 -26.15
CA MET B 131 -4.45 -9.08 -25.53
C MET B 131 -3.34 -10.09 -25.26
N THR B 132 -2.36 -10.13 -26.16
CA THR B 132 -1.27 -11.08 -26.13
C THR B 132 0.00 -10.35 -26.58
N PRO B 133 1.17 -10.90 -26.23
CA PRO B 133 2.41 -10.37 -26.78
C PRO B 133 2.42 -10.22 -28.29
N GLU B 134 1.95 -11.24 -28.99
CA GLU B 134 1.80 -11.21 -30.44
C GLU B 134 0.96 -10.01 -30.88
N ASN B 135 0.00 -9.59 -30.06
CA ASN B 135 -0.81 -8.42 -30.44
C ASN B 135 -0.36 -7.13 -29.76
N GLY B 136 0.86 -7.15 -29.23
CA GLY B 136 1.51 -5.95 -28.71
C GLY B 136 1.12 -5.66 -27.28
N TYR B 137 0.71 -6.68 -26.55
CA TYR B 137 0.42 -6.52 -25.12
C TYR B 137 1.29 -7.43 -24.26
N TRP B 138 1.86 -6.86 -23.19
CA TRP B 138 2.57 -7.64 -22.17
C TRP B 138 2.01 -7.32 -20.79
N THR B 139 0.99 -8.08 -20.39
CA THR B 139 0.21 -7.76 -19.21
C THR B 139 -0.07 -8.97 -18.35
N MET B 140 -0.28 -8.73 -17.07
CA MET B 140 -0.77 -9.75 -16.18
C MET B 140 -1.78 -9.17 -15.23
N GLY B 141 -2.42 -10.04 -14.46
CA GLY B 141 -3.21 -9.59 -13.33
C GLY B 141 -4.12 -10.66 -12.79
N LEU B 142 -5.33 -10.21 -12.49
CA LEU B 142 -6.25 -10.93 -11.61
C LEU B 142 -7.65 -10.87 -12.20
N THR B 143 -8.34 -12.00 -12.14
CA THR B 143 -9.74 -12.08 -12.54
CA THR B 143 -9.75 -12.04 -12.51
C THR B 143 -10.55 -12.84 -11.49
N ASP B 144 -11.82 -12.49 -11.35
CA ASP B 144 -12.70 -13.21 -10.41
C ASP B 144 -12.09 -13.34 -9.00
N GLY B 145 -11.49 -12.26 -8.52
CA GLY B 145 -11.02 -12.17 -7.14
C GLY B 145 -9.80 -12.99 -6.78
N ASN B 146 -9.59 -14.12 -7.45
CA ASN B 146 -8.46 -14.96 -7.04
C ASN B 146 -7.61 -15.58 -8.14
N LYS B 147 -8.05 -15.46 -9.39
CA LYS B 147 -7.34 -16.11 -10.49
C LYS B 147 -6.29 -15.18 -11.06
N TYR B 148 -5.02 -15.40 -10.68
CA TYR B 148 -3.90 -14.69 -11.32
C TYR B 148 -3.46 -15.32 -12.63
N ARG B 149 -3.16 -14.48 -13.62
CA ARG B 149 -2.78 -14.93 -14.95
C ARG B 149 -1.76 -13.99 -15.54
N ALA B 150 -0.95 -14.50 -16.47
CA ALA B 150 -0.22 -13.63 -17.38
C ALA B 150 -0.85 -13.78 -18.74
N LEU B 151 -1.10 -12.67 -19.42
CA LEU B 151 -1.91 -12.67 -20.61
C LEU B 151 -1.07 -13.07 -21.80
N THR B 152 -0.58 -14.31 -21.72
CA THR B 152 -0.02 -14.99 -22.86
C THR B 152 -1.13 -15.67 -23.65
N GLU B 153 -0.77 -16.31 -24.76
CA GLU B 153 -1.68 -17.15 -25.50
C GLU B 153 -1.03 -18.51 -25.65
N PRO B 154 -1.56 -19.53 -24.98
CA PRO B 154 -2.69 -19.41 -24.05
C PRO B 154 -2.30 -18.69 -22.77
N ARG B 155 -3.29 -18.27 -22.00
CA ARG B 155 -3.07 -17.56 -20.75
C ARG B 155 -2.34 -18.46 -19.81
N THR B 156 -1.37 -17.89 -19.11
CA THR B 156 -0.64 -18.63 -18.10
C THR B 156 -1.27 -18.41 -16.75
N ASN B 157 -1.58 -19.48 -16.05
CA ASN B 157 -2.03 -19.35 -14.69
C ASN B 157 -0.85 -19.24 -13.76
N LEU B 158 -0.95 -18.33 -12.79
CA LEU B 158 0.09 -18.08 -11.80
C LEU B 158 -0.43 -18.55 -10.45
N LYS B 159 0.46 -19.00 -9.58
CA LYS B 159 0.10 -19.27 -8.20
C LYS B 159 0.96 -18.39 -7.34
N LEU B 160 0.29 -17.49 -6.64
CA LEU B 160 0.97 -16.51 -5.81
C LEU B 160 0.55 -16.78 -4.37
N PRO B 161 1.50 -17.20 -3.51
CA PRO B 161 1.11 -17.50 -2.13
C PRO B 161 0.44 -16.33 -1.43
N GLU B 162 0.91 -15.11 -1.73
CA GLU B 162 0.37 -13.90 -1.12
C GLU B 162 -0.26 -13.01 -2.19
N PRO B 163 -1.53 -12.64 -2.02
CA PRO B 163 -2.15 -11.68 -2.94
C PRO B 163 -1.43 -10.33 -2.92
N PRO B 164 -0.88 -9.90 -4.06
CA PRO B 164 -0.30 -8.55 -4.09
C PRO B 164 -1.30 -7.42 -3.86
N ARG B 165 -0.86 -6.40 -3.13
CA ARG B 165 -1.58 -5.14 -2.96
C ARG B 165 -0.91 -4.05 -3.80
N LYS B 166 0.35 -4.26 -4.11
CA LYS B 166 1.13 -3.32 -4.91
C LYS B 166 2.01 -4.10 -5.85
N VAL B 167 1.96 -3.77 -7.12
CA VAL B 167 2.69 -4.55 -8.11
C VAL B 167 3.78 -3.71 -8.78
N GLY B 168 4.98 -4.27 -8.85
CA GLY B 168 6.07 -3.60 -9.52
C GLY B 168 6.16 -4.06 -10.97
N ILE B 169 6.08 -3.12 -11.90
CA ILE B 169 6.29 -3.45 -13.29
C ILE B 169 7.67 -3.01 -13.77
N PHE B 170 8.32 -3.90 -14.52
CA PHE B 170 9.72 -3.73 -14.89
C PHE B 170 9.95 -3.99 -16.37
N LEU B 171 10.62 -3.03 -17.01
CA LEU B 171 10.87 -3.05 -18.44
C LEU B 171 12.37 -2.92 -18.71
N ASP B 172 13.00 -3.99 -19.15
CA ASP B 172 14.32 -3.87 -19.69
C ASP B 172 14.19 -3.92 -21.20
N TYR B 173 14.30 -2.77 -21.85
CA TYR B 173 13.97 -2.69 -23.28
C TYR B 173 15.01 -3.44 -24.12
N GLU B 174 16.26 -3.39 -23.71
CA GLU B 174 17.36 -3.93 -24.51
C GLU B 174 17.33 -5.44 -24.44
N THR B 175 17.01 -5.96 -23.27
CA THR B 175 17.10 -7.40 -23.08
C THR B 175 15.76 -8.04 -23.36
N GLY B 176 14.74 -7.21 -23.54
CA GLY B 176 13.46 -7.65 -24.10
C GLY B 176 12.59 -8.33 -23.04
N GLU B 177 12.66 -7.81 -21.83
CA GLU B 177 12.18 -8.50 -20.66
C GLU B 177 11.19 -7.61 -19.91
N ILE B 178 9.98 -8.12 -19.77
CA ILE B 178 8.95 -7.48 -18.97
C ILE B 178 8.70 -8.35 -17.76
N SER B 179 8.84 -7.79 -16.56
CA SER B 179 8.73 -8.58 -15.33
C SER B 179 7.75 -7.91 -14.38
N PHE B 180 7.21 -8.72 -13.47
CA PHE B 180 6.31 -8.27 -12.42
C PHE B 180 6.73 -8.78 -11.05
N TYR B 181 6.68 -7.88 -10.08
CA TYR B 181 7.03 -8.22 -8.70
C TYR B 181 5.94 -7.76 -7.74
N ASN B 182 5.83 -8.45 -6.62
CA ASN B 182 5.11 -7.92 -5.48
C ASN B 182 5.97 -6.83 -4.87
N ALA B 183 5.49 -5.60 -4.99
CA ALA B 183 6.36 -4.47 -4.74
C ALA B 183 6.47 -4.17 -3.24
N THR B 184 5.86 -5.01 -2.40
CA THR B 184 5.95 -4.84 -0.96
C THR B 184 6.81 -5.89 -0.29
N ASP B 185 6.67 -7.16 -0.70
CA ASP B 185 7.55 -8.20 -0.16
C ASP B 185 8.62 -8.66 -1.13
N GLY B 186 8.60 -8.12 -2.35
CA GLY B 186 9.72 -8.29 -3.28
C GLY B 186 9.69 -9.60 -4.03
N SER B 187 8.68 -10.44 -3.80
CA SER B 187 8.58 -11.71 -4.50
C SER B 187 8.29 -11.53 -5.99
N HIS B 188 8.83 -12.45 -6.76
CA HIS B 188 8.69 -12.42 -8.21
C HIS B 188 7.33 -12.98 -8.57
N ILE B 189 6.67 -12.29 -9.48
CA ILE B 189 5.35 -12.71 -9.90
C ILE B 189 5.43 -13.44 -11.21
N TYR B 190 6.01 -12.79 -12.22
CA TYR B 190 6.06 -13.37 -13.55
C TYR B 190 7.03 -12.59 -14.41
N THR B 191 7.65 -13.27 -15.37
CA THR B 191 8.40 -12.59 -16.43
C THR B 191 8.01 -13.15 -17.76
N PHE B 192 7.72 -12.26 -18.72
CA PHE B 192 7.33 -12.72 -20.05
C PHE B 192 8.52 -13.31 -20.78
N PRO B 193 8.26 -14.23 -21.73
CA PRO B 193 9.35 -14.67 -22.59
C PRO B 193 10.07 -13.51 -23.25
N HIS B 194 11.30 -13.79 -23.67
CA HIS B 194 12.10 -12.82 -24.35
C HIS B 194 11.35 -12.26 -25.55
N ALA B 195 11.35 -10.94 -25.66
CA ALA B 195 10.76 -10.33 -26.83
C ALA B 195 11.79 -9.39 -27.45
N SER B 196 11.57 -9.07 -28.72
CA SER B 196 12.40 -8.11 -29.41
C SER B 196 11.51 -6.93 -29.81
N PHE B 197 11.52 -5.88 -28.98
CA PHE B 197 10.61 -4.78 -29.18
C PHE B 197 10.96 -3.92 -30.37
N SER B 198 9.98 -3.73 -31.23
CA SER B 198 10.15 -2.90 -32.41
C SER B 198 9.32 -1.62 -32.35
N GLU B 199 8.55 -1.44 -31.29
CA GLU B 199 7.76 -0.21 -31.16
C GLU B 199 7.98 0.40 -29.79
N PRO B 200 7.61 1.67 -29.62
CA PRO B 200 7.64 2.17 -28.26
C PRO B 200 6.63 1.46 -27.39
N LEU B 201 6.87 1.46 -26.08
CA LEU B 201 5.99 0.77 -25.14
C LEU B 201 5.33 1.76 -24.19
N TYR B 202 4.05 1.55 -23.94
CA TYR B 202 3.31 2.33 -23.00
C TYR B 202 2.96 1.49 -21.81
N PRO B 203 2.97 2.11 -20.62
CA PRO B 203 2.19 1.57 -19.54
C PRO B 203 0.73 1.45 -19.92
N VAL B 204 0.16 0.28 -19.67
CA VAL B 204 -1.25 0.07 -19.98
C VAL B 204 -1.96 -0.50 -18.74
N PHE B 205 -3.22 -0.16 -18.64
CA PHE B 205 -4.06 -0.56 -17.51
C PHE B 205 -5.40 -0.94 -18.07
N ARG B 206 -5.94 -2.07 -17.58
CA ARG B 206 -7.25 -2.57 -18.00
C ARG B 206 -8.08 -3.01 -16.80
N ILE B 207 -9.32 -2.49 -16.73
CA ILE B 207 -10.30 -2.93 -15.76
C ILE B 207 -11.66 -3.21 -16.40
N LEU B 208 -12.21 -4.38 -16.11
CA LEU B 208 -13.44 -4.81 -16.72
C LEU B 208 -14.66 -4.62 -15.81
N THR B 209 -14.48 -4.79 -14.53
CA THR B 209 -15.61 -4.92 -13.60
C THR B 209 -15.90 -3.60 -12.95
N LEU B 210 -17.14 -3.45 -12.51
CA LEU B 210 -17.56 -2.38 -11.64
C LEU B 210 -17.28 -2.76 -10.18
N GLU B 211 -16.27 -2.14 -9.59
CA GLU B 211 -16.05 -2.26 -8.16
C GLU B 211 -15.47 -1.02 -7.50
N PRO B 212 -15.42 -1.02 -6.16
CA PRO B 212 -15.10 0.17 -5.38
C PRO B 212 -13.65 0.62 -5.44
N THR B 213 -12.71 -0.31 -5.48
CA THR B 213 -11.30 0.04 -5.37
C THR B 213 -10.69 0.38 -6.71
N ALA B 214 -9.92 1.47 -6.74
CA ALA B 214 -9.31 1.95 -7.96
C ALA B 214 -7.97 1.26 -8.18
N LEU B 215 -7.43 1.35 -9.40
CA LEU B 215 -5.97 1.19 -9.62
C LEU B 215 -5.33 2.54 -9.45
N THR B 216 -4.19 2.57 -8.75
CA THR B 216 -3.49 3.81 -8.40
C THR B 216 -1.98 3.66 -8.63
N ILE B 217 -1.42 4.54 -9.45
CA ILE B 217 0.03 4.62 -9.61
C ILE B 217 0.62 5.29 -8.37
N CYS B 218 1.47 4.58 -7.63
CA CYS B 218 2.01 5.12 -6.38
C CYS B 218 3.37 5.76 -6.58
N PRO B 219 3.72 6.73 -5.71
CA PRO B 219 5.06 7.33 -5.76
C PRO B 219 6.12 6.26 -5.61
N ILE B 220 7.24 6.41 -6.30
CA ILE B 220 8.26 5.38 -6.26
C ILE B 220 9.60 5.94 -5.85
N PRO B 221 10.38 5.14 -5.09
CA PRO B 221 11.61 5.56 -4.42
C PRO B 221 12.61 6.23 -5.34
P13 H6P C . 7.24 6.32 29.85
O14 H6P C . 7.98 5.55 30.91
O15 H6P C . 7.42 7.81 29.88
O16 H6P C . 5.67 5.93 30.04
P17 H6P C . 4.44 6.20 28.98
O18 H6P C . 4.90 6.81 27.69
O19 H6P C . 3.81 4.85 28.70
O20 H6P C . 3.49 7.16 29.63
C21 H6P C . 10.37 3.19 28.41
C27 H6P C . 8.54 4.05 26.95
C28 H6P C . 7.68 4.39 28.16
O29 H6P C . 7.81 5.77 28.41
C30 H6P C . 9.73 3.50 27.05
C31 H6P C . 10.51 3.16 25.77
O33 H6P C . 9.66 3.30 24.67
P13 H6P D . -11.16 -11.71 -22.90
O14 H6P D . -10.47 -12.19 -24.15
O15 H6P D . -12.59 -12.16 -22.78
O16 H6P D . -10.43 -12.30 -21.59
P17 H6P D . -8.94 -11.96 -21.03
O18 H6P D . -8.25 -10.89 -21.83
O19 H6P D . -8.23 -13.27 -21.06
O20 H6P D . -9.11 -11.51 -19.60
C21 H6P D . -14.02 -7.43 -22.89
C27 H6P D . -11.64 -7.81 -22.26
C28 H6P D . -11.93 -9.30 -21.98
O29 H6P D . -11.12 -10.05 -22.84
C30 H6P D . -12.57 -6.97 -22.68
C31 H6P D . -12.21 -5.52 -22.99
O33 H6P D . -10.90 -5.18 -22.57
#